data_6Z7E
#
_entry.id   6Z7E
#
_cell.length_a   46.936
_cell.length_b   71.033
_cell.length_c   130.614
_cell.angle_alpha   90.000
_cell.angle_beta   90.000
_cell.angle_gamma   90.000
#
_symmetry.space_group_name_H-M   'P 21 21 2'
#
loop_
_entity.id
_entity.type
_entity.pdbx_description
1 polymer 'Variant surface glycoprotein Sur'
2 branched alpha-D-mannopyranose-(1-3)-[alpha-D-mannopyranose-(1-6)]beta-D-mannopyranose-(1-4)-2-acetamido-2-deoxy-beta-D-glucopyranose-(1-4)-2-acetamido-2-deoxy-beta-D-glucopyranose
3 water water
#
_entity_poly.entity_id   1
_entity_poly.type   'polypeptide(L)'
_entity_poly.pdbx_seq_one_letter_code
;MQAVTRFFRHLITLTAVALLAAFLDTVNAAKDTAAGHVTTPCTEILFDLTLAKHYENQIQAAESALNRNYAAIRSWTLLE
AMSSDGNRQNAYTGLIAYGIQITVNAEQELQGPKQTKLRAAAALRHRAANLSAALQIQAAQQATLTKPTAGGAQTPFSGA
TGTCKYEGITATAGEQSCKYSTEDEEKINAAHMNPEVMTQITTIGDKYLTTITLDAIAGSKGNPTQSSATYAEQDCQDGG
NPGPNFGGANALGLQVTKLGTKATTEKTNLYTAGGTECEHQPGNGPQKTKQRLAYLVCEANKAAIITPTDLQTLTLDALI
SAPEMAAIGDALLTDEPATEKEYSSAQHTQIQQLLKKAYGQTNEQFQKNFIKPLAAQTVKFKIGGAEVSNTVAALMSSPN
SGLALAYHKGKNKLQHQVKPDTPLVESKKGSECQVIEDKEKCKTTYGCELKGDKCVVKMTTKGEVTGTQNTTGSNSFVIK
KAPLLLAFLLF
;
_entity_poly.pdbx_strand_id   A
#
# COMPACT_ATOMS: atom_id res chain seq x y z
N ALA A 30 -15.31 -16.84 -7.15
CA ALA A 30 -14.08 -17.19 -6.45
C ALA A 30 -13.60 -15.99 -5.64
N LYS A 31 -13.75 -16.07 -4.33
CA LYS A 31 -13.32 -14.99 -3.45
C LYS A 31 -11.93 -15.29 -2.90
N ASP A 32 -11.25 -14.23 -2.49
CA ASP A 32 -10.00 -14.32 -1.73
C ASP A 32 -8.86 -15.02 -2.50
N THR A 33 -8.85 -14.86 -3.83
CA THR A 33 -7.71 -15.31 -4.64
C THR A 33 -6.40 -14.75 -4.12
N ALA A 34 -6.37 -13.42 -3.87
CA ALA A 34 -5.11 -12.80 -3.48
C ALA A 34 -4.69 -13.20 -2.05
N ALA A 35 -5.59 -13.02 -1.07
CA ALA A 35 -5.24 -13.42 0.32
C ALA A 35 -4.97 -14.91 0.40
N GLY A 36 -5.70 -15.72 -0.39
CA GLY A 36 -5.45 -17.14 -0.30
C GLY A 36 -4.10 -17.54 -0.86
N HIS A 37 -3.40 -16.60 -1.50
CA HIS A 37 -2.05 -16.88 -2.01
C HIS A 37 -0.95 -16.46 -1.03
N VAL A 38 -1.32 -15.91 0.12
CA VAL A 38 -0.37 -15.50 1.12
C VAL A 38 -0.09 -16.72 1.99
N THR A 39 1.11 -17.26 1.86
CA THR A 39 1.54 -18.39 2.64
C THR A 39 2.90 -18.20 3.28
N THR A 40 3.56 -17.04 3.10
CA THR A 40 4.93 -16.79 3.54
C THR A 40 5.06 -15.32 3.90
N PRO A 41 6.06 -14.95 4.72
CA PRO A 41 6.33 -13.50 4.96
C PRO A 41 6.45 -12.70 3.65
N CYS A 42 7.17 -13.26 2.63
CA CYS A 42 7.33 -12.48 1.40
C CYS A 42 5.99 -12.30 0.67
N THR A 43 5.11 -13.32 0.67
CA THR A 43 3.86 -13.07 -0.03
C THR A 43 2.92 -12.18 0.79
N GLU A 44 3.03 -12.17 2.13
CA GLU A 44 2.23 -11.18 2.86
C GLU A 44 2.71 -9.77 2.56
N ILE A 45 4.03 -9.60 2.50
CA ILE A 45 4.56 -8.29 2.10
C ILE A 45 4.03 -7.87 0.73
N LEU A 46 4.05 -8.79 -0.24
CA LEU A 46 3.51 -8.45 -1.57
C LEU A 46 2.02 -8.08 -1.50
N PHE A 47 1.23 -8.85 -0.74
CA PHE A 47 -0.19 -8.54 -0.63
C PHE A 47 -0.37 -7.14 -0.03
N ASP A 48 0.32 -6.87 1.09
CA ASP A 48 0.11 -5.61 1.81
C ASP A 48 0.49 -4.42 0.94
N LEU A 49 1.62 -4.50 0.24
CA LEU A 49 2.05 -3.41 -0.62
C LEU A 49 1.15 -3.26 -1.84
N THR A 50 0.70 -4.40 -2.40
CA THR A 50 -0.15 -4.35 -3.58
C THR A 50 -1.51 -3.72 -3.25
N LEU A 51 -2.07 -4.06 -2.08
CA LEU A 51 -3.35 -3.50 -1.68
C LEU A 51 -3.19 -2.01 -1.37
N ALA A 52 -2.13 -1.64 -0.66
CA ALA A 52 -1.92 -0.20 -0.39
C ALA A 52 -1.84 0.56 -1.71
N LYS A 53 -1.09 0.03 -2.67
CA LYS A 53 -0.95 0.72 -3.96
C LYS A 53 -2.31 0.80 -4.67
N HIS A 54 -3.13 -0.25 -4.53
CA HIS A 54 -4.48 -0.20 -5.12
C HIS A 54 -5.29 0.95 -4.54
N TYR A 55 -5.28 1.10 -3.20
CA TYR A 55 -6.03 2.23 -2.60
C TYR A 55 -5.44 3.56 -3.07
N GLU A 56 -4.12 3.67 -3.09
CA GLU A 56 -3.51 4.93 -3.53
C GLU A 56 -3.87 5.24 -4.98
N ASN A 57 -3.93 4.21 -5.81
CA ASN A 57 -4.23 4.43 -7.24
C ASN A 57 -5.69 4.82 -7.42
N GLN A 58 -6.57 4.29 -6.57
CA GLN A 58 -7.97 4.71 -6.64
C GLN A 58 -8.07 6.19 -6.37
N ILE A 59 -7.31 6.69 -5.39
CA ILE A 59 -7.38 8.12 -5.08
C ILE A 59 -6.77 8.93 -6.21
N GLN A 60 -5.59 8.49 -6.70
CA GLN A 60 -4.96 9.22 -7.82
C GLN A 60 -5.85 9.27 -9.05
N ALA A 61 -6.55 8.18 -9.37
CA ALA A 61 -7.46 8.17 -10.51
C ALA A 61 -8.59 9.18 -10.30
N ALA A 62 -9.20 9.19 -9.11
CA ALA A 62 -10.27 10.15 -8.87
C ALA A 62 -9.76 11.60 -8.95
N GLU A 63 -8.58 11.85 -8.39
CA GLU A 63 -8.05 13.22 -8.45
C GLU A 63 -7.68 13.62 -9.85
N SER A 64 -7.21 12.65 -10.67
CA SER A 64 -6.92 12.97 -12.06
CA SER A 64 -6.93 12.96 -12.07
C SER A 64 -8.20 13.34 -12.79
N ALA A 65 -9.30 12.64 -12.51
CA ALA A 65 -10.60 12.97 -13.11
C ALA A 65 -11.04 14.39 -12.72
N LEU A 66 -10.87 14.75 -11.44
CA LEU A 66 -11.17 16.11 -11.03
C LEU A 66 -10.31 17.12 -11.78
N ASN A 67 -9.00 16.85 -11.88
CA ASN A 67 -8.11 17.82 -12.53
C ASN A 67 -8.50 17.98 -14.00
N ARG A 68 -8.84 16.87 -14.67
CA ARG A 68 -9.29 16.97 -16.06
C ARG A 68 -10.55 17.84 -16.15
N ASN A 69 -11.46 17.68 -15.19
CA ASN A 69 -12.70 18.45 -15.22
C ASN A 69 -12.40 19.92 -15.00
N TYR A 70 -11.53 20.24 -14.03
CA TYR A 70 -11.20 21.64 -13.80
C TYR A 70 -10.53 22.26 -15.02
N ALA A 71 -9.69 21.47 -15.71
CA ALA A 71 -9.06 21.96 -16.95
C ALA A 71 -10.08 22.23 -18.05
N ALA A 72 -11.11 21.38 -18.18
CA ALA A 72 -12.19 21.64 -19.14
C ALA A 72 -12.99 22.89 -18.78
N ILE A 73 -13.19 23.15 -17.49
CA ILE A 73 -13.93 24.35 -17.10
C ILE A 73 -13.16 25.60 -17.50
N ARG A 74 -11.84 25.62 -17.26
CA ARG A 74 -11.02 26.74 -17.72
C ARG A 74 -11.07 26.85 -19.24
N SER A 75 -11.12 25.73 -19.95
CA SER A 75 -11.18 25.79 -21.41
C SER A 75 -12.48 26.44 -21.87
N TRP A 76 -13.62 25.98 -21.33
CA TRP A 76 -14.90 26.58 -21.73
C TRP A 76 -15.00 28.04 -21.32
N THR A 77 -14.37 28.41 -20.20
CA THR A 77 -14.33 29.82 -19.78
C THR A 77 -13.68 30.67 -20.85
N LEU A 78 -12.55 30.22 -21.41
CA LEU A 78 -11.95 30.96 -22.51
C LEU A 78 -12.87 30.99 -23.74
N LEU A 79 -13.48 29.86 -24.07
CA LEU A 79 -14.35 29.86 -25.26
C LEU A 79 -15.55 30.77 -25.06
N GLU A 80 -16.08 30.82 -23.83
CA GLU A 80 -17.19 31.75 -23.54
C GLU A 80 -16.77 33.19 -23.83
N ALA A 81 -15.57 33.56 -23.39
CA ALA A 81 -15.02 34.90 -23.62
C ALA A 81 -14.78 35.19 -25.10
N MET A 82 -14.51 34.17 -25.90
CA MET A 82 -14.26 34.38 -27.33
C MET A 82 -15.53 34.34 -28.17
N SER A 83 -16.68 34.01 -27.58
CA SER A 83 -17.93 33.98 -28.33
C SER A 83 -18.46 35.40 -28.50
N SER A 84 -19.01 35.69 -29.67
CA SER A 84 -19.74 36.94 -29.88
C SER A 84 -21.25 36.75 -29.86
N ASP A 85 -21.72 35.51 -29.91
CA ASP A 85 -23.14 35.18 -29.95
C ASP A 85 -23.70 34.94 -28.55
N GLY A 86 -24.80 35.63 -28.22
CA GLY A 86 -25.40 35.49 -26.90
C GLY A 86 -25.78 34.06 -26.56
N ASN A 87 -26.42 33.36 -27.50
CA ASN A 87 -26.90 32.00 -27.20
C ASN A 87 -25.73 31.01 -27.12
N ARG A 88 -24.70 31.18 -27.93
CA ARG A 88 -23.53 30.30 -27.82
C ARG A 88 -22.77 30.57 -26.53
N GLN A 89 -22.76 31.84 -26.11
CA GLN A 89 -22.19 32.22 -24.82
C GLN A 89 -22.92 31.55 -23.67
N ASN A 90 -24.24 31.54 -23.71
CA ASN A 90 -24.99 30.91 -22.63
C ASN A 90 -24.78 29.40 -22.63
N ALA A 91 -24.58 28.81 -23.79
CA ALA A 91 -24.30 27.39 -23.89
C ALA A 91 -23.00 27.03 -23.17
N TYR A 92 -21.92 27.77 -23.47
CA TYR A 92 -20.67 27.54 -22.74
C TYR A 92 -20.87 27.78 -21.25
N THR A 93 -21.64 28.81 -20.91
CA THR A 93 -21.93 29.07 -19.50
C THR A 93 -22.62 27.87 -18.86
N GLY A 94 -23.52 27.23 -19.59
CA GLY A 94 -24.21 26.07 -19.07
C GLY A 94 -23.24 24.94 -18.77
N LEU A 95 -22.26 24.73 -19.65
CA LEU A 95 -21.25 23.69 -19.41
C LEU A 95 -20.37 24.05 -18.23
N ILE A 96 -19.98 25.33 -18.13
CA ILE A 96 -19.18 25.78 -16.99
C ILE A 96 -19.94 25.51 -15.69
N ALA A 97 -21.21 25.90 -15.63
CA ALA A 97 -21.98 25.74 -14.40
C ALA A 97 -22.15 24.27 -14.05
N TYR A 98 -22.49 23.46 -15.05
CA TYR A 98 -22.60 22.02 -14.86
C TYR A 98 -21.27 21.44 -14.35
N GLY A 99 -20.16 21.79 -14.98
CA GLY A 99 -18.88 21.23 -14.57
C GLY A 99 -18.48 21.67 -13.17
N ILE A 100 -18.71 22.94 -12.84
CA ILE A 100 -18.38 23.38 -11.49
C ILE A 100 -19.21 22.60 -10.49
N GLN A 101 -20.51 22.49 -10.75
CA GLN A 101 -21.38 21.80 -9.81
C GLN A 101 -20.88 20.39 -9.54
N ILE A 102 -20.76 19.57 -10.59
CA ILE A 102 -20.45 18.16 -10.36
C ILE A 102 -19.03 17.98 -9.86
N THR A 103 -18.09 18.85 -10.27
CA THR A 103 -16.69 18.61 -9.91
C THR A 103 -16.42 19.07 -8.50
N VAL A 104 -16.97 20.21 -8.09
CA VAL A 104 -16.84 20.65 -6.71
C VAL A 104 -17.51 19.64 -5.78
N ASN A 105 -18.69 19.17 -6.14
N ASN A 105 -18.69 19.15 -6.16
CA ASN A 105 -19.37 18.16 -5.32
CA ASN A 105 -19.36 18.14 -5.34
C ASN A 105 -18.52 16.90 -5.20
C ASN A 105 -18.53 16.89 -5.21
N ALA A 106 -18.00 16.41 -6.33
CA ALA A 106 -17.23 15.17 -6.31
C ALA A 106 -15.96 15.35 -5.49
N GLU A 107 -15.37 16.55 -5.54
CA GLU A 107 -14.15 16.79 -4.76
C GLU A 107 -14.46 16.77 -3.26
N GLN A 108 -15.59 17.37 -2.86
CA GLN A 108 -15.98 17.33 -1.46
C GLN A 108 -16.30 15.90 -1.04
N GLU A 109 -17.01 15.15 -1.90
CA GLU A 109 -17.39 13.80 -1.51
C GLU A 109 -16.20 12.85 -1.49
N LEU A 110 -15.10 13.17 -2.18
CA LEU A 110 -13.90 12.30 -2.19
C LEU A 110 -13.17 12.29 -0.83
N GLN A 111 -13.29 13.35 -0.04
CA GLN A 111 -12.38 13.54 1.10
C GLN A 111 -12.52 12.43 2.15
N GLY A 112 -13.75 12.03 2.50
CA GLY A 112 -13.93 10.96 3.46
C GLY A 112 -13.32 9.63 3.01
N PRO A 113 -13.74 9.16 1.83
CA PRO A 113 -13.17 7.91 1.31
C PRO A 113 -11.67 7.99 1.12
N LYS A 114 -11.16 9.15 0.67
CA LYS A 114 -9.71 9.34 0.56
C LYS A 114 -9.02 9.09 1.91
N GLN A 115 -9.50 9.75 2.96
CA GLN A 115 -8.85 9.57 4.26
C GLN A 115 -8.93 8.13 4.71
N THR A 116 -10.10 7.48 4.54
CA THR A 116 -10.24 6.08 4.97
C THR A 116 -9.28 5.17 4.20
N LYS A 117 -9.21 5.33 2.88
CA LYS A 117 -8.28 4.52 2.08
C LYS A 117 -6.82 4.82 2.40
N LEU A 118 -6.47 6.04 2.65
CA LEU A 118 -5.08 6.28 2.99
C LEU A 118 -4.75 5.78 4.40
N ARG A 119 -5.63 5.87 5.28
CA ARG A 119 -5.33 5.26 6.58
C ARG A 119 -4.94 3.78 6.42
N ALA A 120 -5.72 3.04 5.61
CA ALA A 120 -5.40 1.61 5.39
C ALA A 120 -4.09 1.46 4.61
N ALA A 121 -3.87 2.28 3.57
CA ALA A 121 -2.63 2.15 2.79
C ALA A 121 -1.43 2.37 3.68
N ALA A 122 -1.50 3.38 4.56
CA ALA A 122 -0.36 3.65 5.44
C ALA A 122 -0.12 2.46 6.37
N ALA A 123 -1.19 1.92 6.95
CA ALA A 123 -1.02 0.81 7.88
C ALA A 123 -0.45 -0.41 7.15
N LEU A 124 -0.96 -0.67 5.95
CA LEU A 124 -0.45 -1.81 5.18
C LEU A 124 1.03 -1.65 4.86
N ARG A 125 1.43 -0.44 4.44
CA ARG A 125 2.86 -0.22 4.19
C ARG A 125 3.68 -0.37 5.47
N HIS A 126 3.13 0.12 6.60
CA HIS A 126 3.82 0.03 7.88
C HIS A 126 4.03 -1.42 8.23
N ARG A 127 2.97 -2.24 8.09
CA ARG A 127 3.08 -3.67 8.34
C ARG A 127 4.14 -4.32 7.43
N ALA A 128 4.08 -4.03 6.13
CA ALA A 128 5.04 -4.63 5.21
C ALA A 128 6.47 -4.27 5.63
N ALA A 129 6.68 -3.03 6.05
CA ALA A 129 8.04 -2.64 6.51
C ALA A 129 8.43 -3.53 7.70
N ASN A 130 7.52 -3.60 8.67
CA ASN A 130 7.72 -4.41 9.90
C ASN A 130 8.14 -5.84 9.55
N LEU A 131 7.33 -6.51 8.73
CA LEU A 131 7.57 -7.92 8.33
C LEU A 131 8.93 -8.05 7.63
N SER A 132 9.27 -7.08 6.78
CA SER A 132 10.54 -7.21 6.04
CA SER A 132 10.53 -7.20 6.04
C SER A 132 11.73 -7.11 6.99
N ALA A 133 11.61 -6.27 8.03
CA ALA A 133 12.70 -6.12 8.99
C ALA A 133 12.80 -7.35 9.86
N ALA A 134 11.66 -7.90 10.23
CA ALA A 134 11.68 -9.15 10.99
C ALA A 134 12.24 -10.29 10.15
N LEU A 135 11.88 -10.33 8.87
CA LEU A 135 12.42 -11.37 7.97
C LEU A 135 13.95 -11.35 7.98
N GLN A 136 14.55 -10.14 7.89
CA GLN A 136 16.02 -10.07 7.88
C GLN A 136 16.62 -10.68 9.16
N ILE A 137 16.03 -10.37 10.32
CA ILE A 137 16.57 -10.91 11.57
C ILE A 137 16.28 -12.41 11.69
N GLN A 138 15.09 -12.85 11.24
CA GLN A 138 14.79 -14.27 11.37
C GLN A 138 15.60 -15.11 10.40
N ALA A 139 16.26 -14.49 9.42
CA ALA A 139 17.19 -15.20 8.54
C ALA A 139 18.57 -15.44 9.19
N ALA A 140 18.81 -14.81 10.36
CA ALA A 140 20.12 -14.96 11.00
C ALA A 140 20.14 -16.27 11.77
N GLN A 141 20.50 -17.34 11.05
CA GLN A 141 20.24 -18.69 11.51
C GLN A 141 21.50 -19.46 11.84
N GLN A 142 22.67 -18.88 11.59
CA GLN A 142 23.93 -19.55 11.92
C GLN A 142 24.72 -18.65 12.86
N ALA A 143 25.18 -19.20 13.97
CA ALA A 143 25.91 -18.45 14.99
C ALA A 143 27.41 -18.49 14.71
N THR A 144 28.08 -17.42 15.10
CA THR A 144 29.54 -17.34 15.14
C THR A 144 29.92 -17.36 16.60
N LEU A 145 30.68 -18.39 17.01
CA LEU A 145 31.11 -18.46 18.41
C LEU A 145 32.28 -17.52 18.65
N THR A 146 32.38 -17.04 19.87
CA THR A 146 33.57 -16.33 20.31
C THR A 146 34.48 -17.29 21.07
N LYS A 147 35.68 -16.81 21.39
CA LYS A 147 36.59 -17.59 22.22
C LYS A 147 36.10 -17.59 23.66
N PRO A 148 35.90 -18.73 24.29
CA PRO A 148 35.36 -18.76 25.66
C PRO A 148 36.43 -18.50 26.70
N THR A 149 35.98 -18.41 27.95
CA THR A 149 36.88 -18.36 29.09
CA THR A 149 36.87 -18.35 29.11
C THR A 149 36.48 -19.47 30.06
N ALA A 150 37.47 -20.23 30.49
CA ALA A 150 37.23 -21.34 31.40
C ALA A 150 37.10 -20.85 32.84
N GLY A 151 36.25 -21.53 33.60
CA GLY A 151 36.11 -21.30 35.03
C GLY A 151 35.86 -22.59 35.76
N GLY A 152 35.76 -22.47 37.10
CA GLY A 152 35.19 -23.49 37.94
C GLY A 152 33.74 -23.15 38.24
N ALA A 153 33.30 -23.29 39.49
CA ALA A 153 31.94 -22.91 39.84
C ALA A 153 31.77 -21.40 39.66
N GLN A 154 30.65 -21.00 39.07
CA GLN A 154 30.31 -19.59 38.93
C GLN A 154 28.87 -19.52 38.47
N THR A 155 28.19 -18.44 38.83
CA THR A 155 26.78 -18.34 38.47
C THR A 155 26.64 -18.34 36.95
N PRO A 156 25.60 -18.97 36.39
CA PRO A 156 24.48 -19.59 37.10
C PRO A 156 24.69 -21.07 37.40
N PHE A 157 25.93 -21.52 37.50
CA PHE A 157 26.25 -22.92 37.81
C PHE A 157 27.12 -22.95 39.08
N SER A 158 26.51 -22.60 40.21
CA SER A 158 27.23 -22.58 41.47
C SER A 158 27.69 -23.96 41.90
N GLY A 159 27.09 -25.03 41.38
CA GLY A 159 27.51 -26.37 41.71
C GLY A 159 28.40 -27.06 40.69
N ALA A 160 28.79 -26.38 39.62
CA ALA A 160 29.65 -27.01 38.65
C ALA A 160 31.09 -27.09 39.18
N THR A 161 31.87 -28.02 38.60
CA THR A 161 33.31 -27.99 38.77
C THR A 161 34.02 -27.43 37.55
N GLY A 162 33.34 -27.36 36.40
CA GLY A 162 33.92 -26.73 35.24
C GLY A 162 32.84 -25.91 34.55
N THR A 163 33.20 -24.72 34.10
CA THR A 163 32.32 -23.90 33.27
C THR A 163 33.09 -23.40 32.07
N CYS A 164 32.35 -23.00 31.02
CA CYS A 164 32.97 -22.53 29.78
C CYS A 164 32.06 -21.41 29.32
N LYS A 165 32.53 -20.17 29.43
CA LYS A 165 31.67 -18.99 29.29
C LYS A 165 31.99 -18.25 28.00
N TYR A 166 30.94 -18.00 27.21
CA TYR A 166 31.03 -17.31 25.93
C TYR A 166 30.30 -15.98 26.00
N GLU A 167 30.97 -14.92 25.58
CA GLU A 167 30.33 -13.62 25.48
C GLU A 167 30.25 -13.17 24.03
N GLY A 168 29.11 -12.59 23.65
CA GLY A 168 29.05 -11.99 22.32
C GLY A 168 29.01 -12.97 21.16
N ILE A 169 28.40 -14.13 21.34
CA ILE A 169 28.01 -14.97 20.21
C ILE A 169 27.05 -14.17 19.35
N THR A 170 27.25 -14.18 18.02
CA THR A 170 26.32 -13.45 17.18
C THR A 170 25.79 -14.33 16.07
N ALA A 171 24.65 -13.89 15.51
CA ALA A 171 24.16 -14.46 14.27
C ALA A 171 23.71 -13.31 13.37
N THR A 172 24.11 -13.33 12.08
CA THR A 172 23.75 -12.30 11.10
C THR A 172 23.55 -13.00 9.77
N ALA A 173 22.57 -12.56 8.99
CA ALA A 173 22.39 -13.13 7.65
C ALA A 173 22.88 -12.11 6.64
N GLY A 174 23.22 -12.56 5.43
CA GLY A 174 23.40 -11.60 4.34
C GLY A 174 22.08 -10.89 4.03
N GLU A 175 22.15 -9.88 3.15
CA GLU A 175 20.92 -9.15 2.78
C GLU A 175 19.87 -10.07 2.17
N GLN A 176 18.66 -10.11 2.77
CA GLN A 176 17.58 -10.97 2.25
C GLN A 176 16.77 -10.17 1.23
N SER A 177 16.11 -10.87 0.31
CA SER A 177 15.21 -10.23 -0.63
C SER A 177 14.07 -11.19 -0.93
N CYS A 178 12.89 -10.64 -1.21
CA CYS A 178 11.75 -11.47 -1.58
C CYS A 178 11.74 -11.68 -3.07
N LYS A 179 11.59 -12.94 -3.49
CA LYS A 179 11.54 -13.26 -4.91
C LYS A 179 10.15 -13.79 -5.21
N TYR A 180 9.55 -13.27 -6.27
CA TYR A 180 8.17 -13.61 -6.58
C TYR A 180 8.11 -14.28 -7.94
N SER A 181 7.29 -15.32 -8.03
CA SER A 181 7.08 -15.98 -9.29
C SER A 181 6.05 -15.21 -10.15
N THR A 182 5.94 -15.60 -11.42
CA THR A 182 4.93 -15.03 -12.30
C THR A 182 3.54 -15.18 -11.67
N GLU A 183 3.24 -16.38 -11.19
CA GLU A 183 1.90 -16.55 -10.64
CA GLU A 183 1.91 -16.60 -10.61
C GLU A 183 1.71 -15.80 -9.30
N ASP A 184 2.77 -15.63 -8.50
CA ASP A 184 2.61 -14.78 -7.31
C ASP A 184 2.10 -13.42 -7.71
N GLU A 185 2.68 -12.85 -8.80
CA GLU A 185 2.31 -11.50 -9.20
C GLU A 185 0.96 -11.46 -9.90
N GLU A 186 0.56 -12.58 -10.52
CA GLU A 186 -0.78 -12.66 -11.14
CA GLU A 186 -0.78 -12.64 -11.13
C GLU A 186 -1.87 -12.77 -10.08
N LYS A 187 -1.64 -13.58 -9.06
CA LYS A 187 -2.67 -13.82 -8.03
C LYS A 187 -2.73 -12.68 -7.01
N ILE A 188 -1.58 -12.20 -6.55
CA ILE A 188 -1.55 -11.13 -5.55
C ILE A 188 -1.42 -9.85 -6.38
N ASN A 189 -2.58 -9.31 -6.78
CA ASN A 189 -2.63 -8.34 -7.85
C ASN A 189 -3.86 -7.50 -7.62
N ALA A 190 -3.78 -6.19 -7.94
CA ALA A 190 -4.92 -5.29 -7.83
C ALA A 190 -6.14 -5.80 -8.59
N ALA A 191 -5.93 -6.55 -9.68
CA ALA A 191 -7.07 -7.12 -10.42
C ALA A 191 -7.96 -8.01 -9.56
N HIS A 192 -7.42 -8.56 -8.47
CA HIS A 192 -8.16 -9.42 -7.56
C HIS A 192 -8.45 -8.71 -6.24
N MET A 193 -8.41 -7.38 -6.22
CA MET A 193 -8.62 -6.66 -4.98
C MET A 193 -9.86 -5.76 -5.04
N ASN A 194 -10.85 -6.12 -5.87
CA ASN A 194 -12.11 -5.39 -5.81
CA ASN A 194 -12.12 -5.41 -5.82
C ASN A 194 -12.87 -5.79 -4.54
N PRO A 195 -13.65 -4.87 -3.96
CA PRO A 195 -14.27 -5.17 -2.66
C PRO A 195 -15.21 -6.36 -2.71
N GLU A 196 -15.77 -6.65 -3.89
CA GLU A 196 -16.75 -7.72 -4.01
C GLU A 196 -16.15 -9.10 -3.78
N VAL A 197 -14.83 -9.27 -3.91
CA VAL A 197 -14.23 -10.59 -3.77
C VAL A 197 -13.38 -10.74 -2.51
N MET A 198 -13.31 -9.73 -1.63
CA MET A 198 -12.42 -9.83 -0.48
C MET A 198 -13.22 -10.04 0.79
N THR A 199 -12.95 -11.15 1.50
CA THR A 199 -13.61 -11.42 2.78
C THR A 199 -12.66 -11.63 3.94
N GLN A 200 -11.34 -11.68 3.69
CA GLN A 200 -10.40 -11.98 4.77
C GLN A 200 -9.03 -11.46 4.41
N ILE A 201 -8.16 -11.38 5.43
CA ILE A 201 -6.74 -11.17 5.19
C ILE A 201 -6.00 -12.30 5.85
N THR A 202 -4.81 -12.58 5.31
CA THR A 202 -3.91 -13.58 5.90
C THR A 202 -2.66 -12.86 6.40
N THR A 203 -2.20 -13.17 7.63
CA THR A 203 -1.02 -12.49 8.14
C THR A 203 -0.12 -13.52 8.81
N ILE A 204 1.17 -13.17 8.89
CA ILE A 204 2.15 -13.94 9.66
C ILE A 204 1.90 -13.79 11.17
N GLY A 205 2.00 -14.89 11.89
CA GLY A 205 1.82 -14.83 13.34
C GLY A 205 2.79 -13.89 14.03
N ASP A 206 2.33 -13.31 15.15
CA ASP A 206 3.11 -12.31 15.90
C ASP A 206 4.45 -12.85 16.39
N LYS A 207 4.57 -14.16 16.67
CA LYS A 207 5.86 -14.61 17.20
C LYS A 207 7.00 -14.37 16.22
N TYR A 208 6.72 -14.32 14.90
CA TYR A 208 7.79 -14.04 13.93
C TYR A 208 8.38 -12.66 14.16
N LEU A 209 7.57 -11.74 14.65
CA LEU A 209 7.98 -10.36 14.86
C LEU A 209 8.51 -10.12 16.28
N THR A 210 8.35 -11.06 17.19
CA THR A 210 8.71 -10.80 18.59
C THR A 210 9.72 -11.75 19.19
N THR A 211 9.93 -12.93 18.61
CA THR A 211 10.56 -14.03 19.36
C THR A 211 11.81 -14.48 18.64
N ILE A 212 12.92 -14.61 19.40
CA ILE A 212 14.14 -15.28 18.95
C ILE A 212 14.06 -16.74 19.37
N THR A 213 14.40 -17.67 18.47
CA THR A 213 14.34 -19.10 18.78
C THR A 213 15.70 -19.69 18.44
N LEU A 214 16.19 -20.60 19.28
CA LEU A 214 17.46 -21.23 18.97
C LEU A 214 17.57 -22.63 19.58
N ASP A 215 18.49 -23.44 19.02
CA ASP A 215 18.89 -24.73 19.56
C ASP A 215 20.31 -24.59 20.08
N ALA A 216 20.63 -25.29 21.17
CA ALA A 216 22.01 -25.26 21.64
C ALA A 216 22.34 -26.56 22.33
N ILE A 217 23.62 -26.91 22.34
CA ILE A 217 24.04 -28.16 22.95
C ILE A 217 25.36 -27.93 23.70
N ALA A 218 25.48 -28.57 24.86
CA ALA A 218 26.71 -28.56 25.64
C ALA A 218 27.38 -29.91 25.50
N GLY A 219 28.71 -29.92 25.54
CA GLY A 219 29.46 -31.18 25.53
C GLY A 219 30.54 -31.22 26.58
N SER A 220 30.80 -32.40 27.17
CA SER A 220 31.79 -32.48 28.23
C SER A 220 32.59 -33.77 28.06
N LYS A 221 33.86 -33.72 28.44
CA LYS A 221 34.70 -34.92 28.50
C LYS A 221 35.65 -34.77 29.66
N GLY A 222 35.94 -35.87 30.34
CA GLY A 222 36.92 -35.75 31.42
C GLY A 222 36.41 -34.91 32.57
N ASN A 223 37.33 -34.09 33.11
CA ASN A 223 37.14 -33.27 34.31
C ASN A 223 37.49 -31.83 33.96
N PRO A 224 36.65 -31.14 33.18
CA PRO A 224 36.94 -29.74 32.86
C PRO A 224 36.87 -28.87 34.10
N THR A 225 37.82 -27.93 34.22
CA THR A 225 37.90 -27.00 35.36
C THR A 225 38.38 -25.64 34.86
N GLN A 226 38.69 -24.75 35.80
CA GLN A 226 39.23 -23.45 35.40
C GLN A 226 40.59 -23.58 34.69
N SER A 227 41.28 -24.73 34.80
CA SER A 227 42.54 -24.87 34.08
C SER A 227 42.35 -25.39 32.65
N SER A 228 41.11 -25.61 32.21
CA SER A 228 40.86 -26.01 30.83
C SER A 228 40.93 -24.79 29.90
N ALA A 229 42.12 -24.18 29.82
CA ALA A 229 42.21 -22.84 29.21
C ALA A 229 42.89 -22.86 27.84
N THR A 230 42.88 -23.98 27.14
CA THR A 230 43.30 -24.02 25.74
C THR A 230 42.05 -23.84 24.87
N TYR A 231 41.99 -22.71 24.17
CA TYR A 231 40.75 -22.25 23.55
C TYR A 231 40.75 -22.34 22.03
N ALA A 232 41.75 -23.00 21.45
CA ALA A 232 41.94 -23.01 20.00
C ALA A 232 40.76 -23.57 19.24
N GLU A 233 39.92 -24.40 19.87
CA GLU A 233 38.77 -24.99 19.20
C GLU A 233 37.45 -24.29 19.56
N GLN A 234 37.51 -23.07 20.11
CA GLN A 234 36.35 -22.35 20.63
C GLN A 234 35.59 -23.17 21.68
N ASP A 235 36.35 -23.93 22.48
CA ASP A 235 35.85 -24.58 23.68
C ASP A 235 36.97 -24.56 24.71
N CYS A 236 36.71 -25.16 25.87
CA CYS A 236 37.68 -25.15 26.97
C CYS A 236 38.31 -26.53 27.11
N GLN A 237 39.63 -26.65 26.87
CA GLN A 237 40.30 -27.95 26.93
C GLN A 237 41.58 -27.87 27.76
N ASP A 238 41.91 -28.98 28.44
CA ASP A 238 43.28 -29.14 28.91
C ASP A 238 43.56 -30.63 29.13
N GLY A 239 44.85 -30.94 29.29
CA GLY A 239 45.25 -32.31 29.53
C GLY A 239 45.52 -33.05 28.23
N GLY A 240 46.49 -33.96 28.23
CA GLY A 240 46.78 -34.70 27.00
C GLY A 240 47.18 -33.76 25.89
N ASN A 241 46.63 -34.01 24.69
CA ASN A 241 46.85 -33.19 23.49
C ASN A 241 45.56 -32.51 23.06
N PRO A 242 45.27 -31.31 23.58
CA PRO A 242 44.09 -30.57 23.14
C PRO A 242 44.07 -30.36 21.63
N GLY A 243 42.90 -30.56 21.04
CA GLY A 243 42.70 -30.31 19.63
C GLY A 243 41.28 -30.57 19.17
N PRO A 244 41.10 -30.69 17.86
CA PRO A 244 39.75 -30.87 17.31
C PRO A 244 39.01 -32.04 17.95
N ASN A 245 37.69 -31.89 18.03
CA ASN A 245 36.78 -32.92 18.53
C ASN A 245 37.15 -33.34 19.95
N PHE A 246 37.35 -32.34 20.83
CA PHE A 246 37.71 -32.63 22.23
C PHE A 246 38.95 -33.52 22.31
N GLY A 247 39.99 -33.17 21.54
CA GLY A 247 41.23 -33.95 21.55
C GLY A 247 41.86 -34.09 22.93
N GLY A 248 41.70 -33.07 23.79
CA GLY A 248 42.33 -33.07 25.09
C GLY A 248 41.64 -33.98 26.11
N ALA A 249 42.32 -34.16 27.24
CA ALA A 249 41.82 -35.05 28.29
C ALA A 249 40.52 -34.55 28.90
N ASN A 250 40.44 -33.24 29.19
CA ASN A 250 39.27 -32.61 29.78
C ASN A 250 38.76 -31.53 28.84
N ALA A 251 37.45 -31.50 28.62
CA ALA A 251 36.90 -30.54 27.66
C ALA A 251 35.49 -30.15 28.05
N LEU A 252 35.15 -28.89 27.78
CA LEU A 252 33.79 -28.41 27.98
C LEU A 252 33.50 -27.34 26.94
N GLY A 253 32.31 -27.37 26.37
CA GLY A 253 31.99 -26.33 25.39
C GLY A 253 30.52 -26.35 25.09
N LEU A 254 30.06 -25.34 24.33
CA LEU A 254 28.70 -25.37 23.82
C LEU A 254 28.71 -24.86 22.39
N GLN A 255 27.64 -25.18 21.67
CA GLN A 255 27.41 -24.60 20.35
C GLN A 255 25.96 -24.24 20.23
N VAL A 256 25.70 -23.11 19.57
CA VAL A 256 24.35 -22.72 19.18
C VAL A 256 24.22 -23.27 17.77
N THR A 257 23.40 -24.32 17.58
CA THR A 257 23.44 -25.07 16.32
C THR A 257 22.47 -24.53 15.27
N LYS A 258 21.50 -23.71 15.68
CA LYS A 258 20.72 -22.98 14.71
C LYS A 258 19.87 -21.96 15.46
N LEU A 259 19.42 -20.94 14.73
CA LEU A 259 18.47 -19.95 15.21
C LEU A 259 17.42 -19.77 14.14
N GLY A 260 16.33 -19.10 14.53
CA GLY A 260 15.27 -18.68 13.60
C GLY A 260 13.92 -19.20 14.06
N THR A 261 12.95 -18.29 14.06
CA THR A 261 11.58 -18.64 14.47
C THR A 261 10.76 -18.92 13.21
N LYS A 262 9.98 -20.00 13.24
CA LYS A 262 9.18 -20.41 12.07
C LYS A 262 8.02 -19.47 11.88
N ALA A 263 7.80 -19.03 10.64
CA ALA A 263 6.63 -18.22 10.36
C ALA A 263 5.39 -19.13 10.32
N THR A 264 4.30 -18.65 10.91
CA THR A 264 3.01 -19.31 10.75
C THR A 264 2.04 -18.30 10.15
N THR A 265 0.91 -18.78 9.61
CA THR A 265 -0.05 -17.83 9.05
C THR A 265 -1.38 -17.92 9.80
N GLU A 266 -2.15 -16.86 9.70
CA GLU A 266 -3.44 -16.75 10.40
C GLU A 266 -4.41 -16.04 9.50
N LYS A 267 -5.70 -16.41 9.57
CA LYS A 267 -6.74 -15.71 8.81
C LYS A 267 -7.58 -14.81 9.72
N THR A 268 -7.96 -13.64 9.20
CA THR A 268 -8.84 -12.71 9.91
C THR A 268 -9.92 -12.25 8.97
N ASN A 269 -11.18 -12.37 9.41
CA ASN A 269 -12.28 -11.96 8.56
C ASN A 269 -12.47 -10.45 8.59
N LEU A 270 -12.88 -9.91 7.42
CA LEU A 270 -13.13 -8.47 7.32
C LEU A 270 -14.49 -8.10 7.91
N TYR A 271 -15.50 -8.93 7.66
CA TYR A 271 -16.90 -8.59 7.99
C TYR A 271 -17.41 -9.45 9.13
N THR A 272 -18.43 -8.93 9.82
CA THR A 272 -19.20 -9.72 10.76
C THR A 272 -19.86 -10.90 10.04
N ALA A 273 -20.50 -11.77 10.83
CA ALA A 273 -21.15 -12.92 10.23
C ALA A 273 -22.27 -12.52 9.26
N GLY A 274 -22.93 -11.37 9.48
CA GLY A 274 -24.00 -10.96 8.59
C GLY A 274 -23.50 -10.34 7.30
N GLY A 275 -22.24 -9.95 7.27
CA GLY A 275 -21.58 -9.53 6.05
C GLY A 275 -21.63 -8.06 5.73
N THR A 276 -22.45 -7.27 6.42
CA THR A 276 -22.45 -5.84 6.10
C THR A 276 -21.32 -5.10 6.82
N GLU A 277 -21.20 -5.31 8.13
CA GLU A 277 -20.45 -4.48 9.05
C GLU A 277 -19.02 -4.97 9.16
N CYS A 278 -18.10 -4.05 9.42
CA CYS A 278 -16.71 -4.44 9.67
C CYS A 278 -16.61 -5.20 11.00
N GLU A 279 -15.82 -6.30 11.01
CA GLU A 279 -15.82 -7.19 12.19
C GLU A 279 -14.99 -6.66 13.38
N HIS A 280 -13.92 -5.95 13.13
CA HIS A 280 -12.96 -5.71 14.24
C HIS A 280 -12.90 -4.23 14.63
N GLN A 281 -14.06 -3.67 14.88
CA GLN A 281 -14.12 -2.25 15.22
C GLN A 281 -13.27 -1.94 16.45
N PRO A 282 -12.53 -0.82 16.48
CA PRO A 282 -11.71 -0.52 17.67
C PRO A 282 -12.56 0.04 18.80
N GLY A 283 -11.95 0.08 20.00
CA GLY A 283 -12.64 0.65 21.15
C GLY A 283 -13.37 -0.37 21.99
N ASN A 284 -13.22 -1.67 21.68
CA ASN A 284 -13.95 -2.71 22.40
C ASN A 284 -13.00 -3.56 23.22
N GLY A 285 -11.74 -3.12 23.37
CA GLY A 285 -10.76 -3.92 24.10
C GLY A 285 -9.49 -4.03 23.26
N PRO A 286 -8.43 -4.59 23.83
CA PRO A 286 -7.14 -4.72 23.12
C PRO A 286 -7.32 -5.52 21.84
N GLN A 287 -6.55 -5.16 20.81
CA GLN A 287 -6.60 -5.92 19.56
C GLN A 287 -5.20 -6.28 19.11
N LYS A 288 -5.12 -7.34 18.33
CA LYS A 288 -3.89 -7.75 17.68
C LYS A 288 -3.73 -7.00 16.38
N THR A 289 -2.47 -6.96 15.88
CA THR A 289 -2.19 -6.27 14.63
C THR A 289 -3.10 -6.74 13.51
N LYS A 290 -3.30 -8.05 13.41
CA LYS A 290 -4.13 -8.57 12.30
C LYS A 290 -5.56 -8.01 12.38
N GLN A 291 -6.08 -7.81 13.59
CA GLN A 291 -7.45 -7.31 13.73
C GLN A 291 -7.54 -5.83 13.36
N ARG A 292 -6.55 -5.04 13.76
CA ARG A 292 -6.52 -3.63 13.37
C ARG A 292 -6.41 -3.50 11.86
N LEU A 293 -5.59 -4.35 11.23
CA LEU A 293 -5.44 -4.26 9.80
C LEU A 293 -6.74 -4.69 9.10
N ALA A 294 -7.39 -5.73 9.60
CA ALA A 294 -8.62 -6.19 8.96
C ALA A 294 -9.68 -5.08 9.03
N TYR A 295 -9.74 -4.38 10.16
CA TYR A 295 -10.73 -3.32 10.27
C TYR A 295 -10.46 -2.23 9.24
N LEU A 296 -9.19 -1.82 9.11
CA LEU A 296 -8.88 -0.71 8.19
C LEU A 296 -9.15 -1.11 6.74
N VAL A 297 -8.81 -2.35 6.43
CA VAL A 297 -9.05 -2.85 5.08
C VAL A 297 -10.53 -2.91 4.82
N CYS A 298 -11.30 -3.40 5.81
CA CYS A 298 -12.75 -3.45 5.64
C CYS A 298 -13.29 -2.04 5.37
N GLU A 299 -12.89 -1.06 6.19
CA GLU A 299 -13.43 0.28 5.97
C GLU A 299 -13.01 0.86 4.63
N ALA A 300 -11.76 0.61 4.21
CA ALA A 300 -11.28 1.13 2.94
C ALA A 300 -12.02 0.50 1.76
N ASN A 301 -12.35 -0.79 1.89
CA ASN A 301 -13.12 -1.49 0.87
C ASN A 301 -14.53 -0.94 0.78
N LYS A 302 -15.15 -0.63 1.92
CA LYS A 302 -16.50 -0.11 1.91
C LYS A 302 -16.57 1.35 1.47
N ALA A 303 -15.47 2.09 1.56
CA ALA A 303 -15.48 3.51 1.24
C ALA A 303 -15.34 3.74 -0.28
N ALA A 304 -16.40 3.41 -1.00
CA ALA A 304 -16.40 3.55 -2.46
C ALA A 304 -16.29 5.01 -2.92
N ILE A 305 -15.51 5.22 -3.97
CA ILE A 305 -15.36 6.57 -4.53
C ILE A 305 -16.35 6.74 -5.67
N ILE A 306 -16.97 7.92 -5.73
CA ILE A 306 -17.82 8.31 -6.84
C ILE A 306 -17.04 9.27 -7.73
N THR A 307 -16.84 8.90 -8.92
CA THR A 307 -16.16 9.73 -9.92
C THR A 307 -17.19 10.44 -10.76
N PRO A 308 -17.07 11.75 -10.98
CA PRO A 308 -18.06 12.46 -11.80
C PRO A 308 -17.81 12.18 -13.28
N THR A 309 -18.80 12.58 -14.09
CA THR A 309 -18.67 12.49 -15.53
C THR A 309 -17.39 13.17 -15.99
N ASP A 310 -16.72 12.57 -16.98
CA ASP A 310 -15.55 13.18 -17.60
C ASP A 310 -16.04 14.28 -18.56
N LEU A 311 -15.83 15.55 -18.19
CA LEU A 311 -16.27 16.67 -19.03
C LEU A 311 -15.59 16.66 -20.40
N GLN A 312 -14.31 16.32 -20.46
CA GLN A 312 -13.58 16.42 -21.73
C GLN A 312 -14.04 15.40 -22.79
N THR A 313 -14.74 14.34 -22.39
CA THR A 313 -15.28 13.37 -23.34
C THR A 313 -16.80 13.31 -23.26
N LEU A 314 -17.43 14.34 -22.70
CA LEU A 314 -18.87 14.41 -22.58
C LEU A 314 -19.57 14.18 -23.91
N THR A 315 -20.65 13.41 -23.89
CA THR A 315 -21.53 13.28 -25.04
C THR A 315 -22.80 14.10 -24.85
N LEU A 316 -23.48 14.37 -25.97
CA LEU A 316 -24.74 15.10 -25.90
C LEU A 316 -25.74 14.39 -24.99
N ASP A 317 -25.88 13.07 -25.16
CA ASP A 317 -26.88 12.34 -24.40
C ASP A 317 -26.58 12.35 -22.91
N ALA A 318 -25.29 12.26 -22.53
CA ALA A 318 -24.96 12.33 -21.13
C ALA A 318 -25.32 13.70 -20.56
N LEU A 319 -25.12 14.74 -21.35
CA LEU A 319 -25.41 16.10 -20.89
C LEU A 319 -26.90 16.31 -20.65
N ILE A 320 -27.73 16.04 -21.65
CA ILE A 320 -29.17 16.30 -21.48
C ILE A 320 -29.81 15.30 -20.53
N SER A 321 -29.23 14.10 -20.38
CA SER A 321 -29.70 13.16 -19.37
C SER A 321 -29.26 13.50 -17.95
N ALA A 322 -28.28 14.40 -17.79
CA ALA A 322 -27.73 14.65 -16.48
C ALA A 322 -28.78 15.31 -15.59
N PRO A 323 -29.01 14.81 -14.37
CA PRO A 323 -30.02 15.46 -13.52
C PRO A 323 -29.74 16.94 -13.29
N GLU A 324 -28.47 17.34 -13.18
CA GLU A 324 -28.14 18.72 -12.84
C GLU A 324 -28.51 19.71 -13.95
N MET A 325 -28.57 19.25 -15.22
CA MET A 325 -28.80 20.16 -16.34
C MET A 325 -30.25 20.65 -16.44
N ALA A 326 -31.18 20.04 -15.71
CA ALA A 326 -32.56 20.51 -15.77
C ALA A 326 -32.67 21.91 -15.19
N ALA A 327 -32.19 22.10 -13.96
CA ALA A 327 -32.23 23.42 -13.35
C ALA A 327 -31.26 24.38 -14.01
N ILE A 328 -30.15 23.88 -14.56
CA ILE A 328 -29.19 24.75 -15.23
C ILE A 328 -29.76 25.24 -16.54
N GLY A 329 -30.26 24.32 -17.35
CA GLY A 329 -30.83 24.69 -18.64
C GLY A 329 -32.04 25.61 -18.51
N ASP A 330 -32.87 25.36 -17.50
CA ASP A 330 -33.97 26.27 -17.23
C ASP A 330 -33.45 27.67 -16.95
N ALA A 331 -32.47 27.78 -16.06
CA ALA A 331 -31.91 29.07 -15.67
C ALA A 331 -31.33 29.82 -16.86
N LEU A 332 -30.76 29.09 -17.82
CA LEU A 332 -30.05 29.72 -18.93
C LEU A 332 -30.89 29.74 -20.20
N ILE A 351 -37.59 21.06 -21.14
CA ILE A 351 -36.23 21.54 -20.88
C ILE A 351 -35.21 20.82 -21.77
N GLN A 352 -35.34 19.50 -21.89
CA GLN A 352 -34.43 18.78 -22.77
C GLN A 352 -34.53 19.28 -24.20
N GLN A 353 -35.75 19.62 -24.64
CA GLN A 353 -35.93 20.26 -25.95
C GLN A 353 -35.08 21.51 -26.06
N LEU A 354 -35.14 22.39 -25.05
CA LEU A 354 -34.27 23.56 -25.04
C LEU A 354 -32.80 23.17 -25.03
N LEU A 355 -32.44 22.10 -24.31
CA LEU A 355 -31.02 21.78 -24.22
C LEU A 355 -30.48 21.34 -25.58
N LYS A 356 -31.26 20.54 -26.30
CA LYS A 356 -30.86 20.14 -27.65
C LYS A 356 -30.77 21.35 -28.57
N LYS A 357 -31.69 22.31 -28.46
CA LYS A 357 -31.56 23.49 -29.29
C LYS A 357 -30.31 24.29 -28.93
N ALA A 358 -29.88 24.23 -27.67
CA ALA A 358 -28.68 24.97 -27.29
C ALA A 358 -27.41 24.20 -27.65
N TYR A 359 -27.38 22.88 -27.39
CA TYR A 359 -26.16 22.07 -27.53
C TYR A 359 -26.14 21.20 -28.77
N GLY A 360 -27.26 21.07 -29.48
CA GLY A 360 -27.26 20.27 -30.70
C GLY A 360 -28.33 19.20 -30.72
N GLN A 361 -28.75 18.84 -31.91
CA GLN A 361 -29.72 17.75 -32.08
C GLN A 361 -29.04 16.38 -32.11
N THR A 362 -27.77 16.32 -32.54
CA THR A 362 -26.99 15.10 -32.53
C THR A 362 -25.76 15.31 -31.67
N ASN A 363 -25.18 14.21 -31.19
CA ASN A 363 -23.93 14.36 -30.46
C ASN A 363 -22.79 14.76 -31.38
N GLU A 364 -22.92 14.46 -32.67
CA GLU A 364 -21.85 14.75 -33.62
C GLU A 364 -21.63 16.25 -33.74
N GLN A 365 -22.71 17.03 -33.72
CA GLN A 365 -22.57 18.48 -33.73
C GLN A 365 -22.30 19.03 -32.33
N PHE A 366 -22.77 18.35 -31.28
CA PHE A 366 -22.36 18.74 -29.94
C PHE A 366 -20.85 18.62 -29.83
N GLN A 367 -20.30 17.48 -30.27
CA GLN A 367 -18.84 17.31 -30.29
C GLN A 367 -18.17 18.43 -31.07
N LYS A 368 -18.67 18.70 -32.29
CA LYS A 368 -18.12 19.75 -33.13
C LYS A 368 -18.05 21.09 -32.41
N ASN A 369 -19.15 21.50 -31.80
CA ASN A 369 -19.25 22.86 -31.28
C ASN A 369 -18.64 23.05 -29.90
N PHE A 370 -18.62 22.00 -29.07
CA PHE A 370 -18.33 22.15 -27.65
C PHE A 370 -17.21 21.28 -27.10
N ILE A 371 -16.83 20.19 -27.77
CA ILE A 371 -15.80 19.28 -27.29
C ILE A 371 -14.52 19.38 -28.12
N LYS A 372 -14.62 19.18 -29.44
CA LYS A 372 -13.44 19.24 -30.30
C LYS A 372 -12.62 20.51 -30.16
N PRO A 373 -13.20 21.71 -30.02
CA PRO A 373 -12.37 22.92 -29.88
C PRO A 373 -11.32 22.88 -28.77
N LEU A 374 -11.51 22.08 -27.72
CA LEU A 374 -10.56 22.10 -26.61
C LEU A 374 -9.18 21.66 -27.06
N ALA A 375 -9.09 20.64 -27.91
CA ALA A 375 -7.81 20.16 -28.37
C ALA A 375 -7.46 20.62 -29.77
N ALA A 376 -8.40 21.21 -30.51
CA ALA A 376 -8.18 21.53 -31.91
C ALA A 376 -8.16 23.01 -32.23
N GLN A 377 -8.86 23.84 -31.46
CA GLN A 377 -8.91 25.26 -31.76
C GLN A 377 -7.64 25.92 -31.26
N THR A 378 -6.93 26.59 -32.17
CA THR A 378 -5.68 27.26 -31.84
C THR A 378 -5.98 28.72 -31.50
N VAL A 379 -5.37 29.20 -30.43
CA VAL A 379 -5.51 30.57 -29.98
C VAL A 379 -4.15 31.24 -30.09
N LYS A 380 -4.12 32.44 -30.68
CA LYS A 380 -2.89 33.19 -30.89
C LYS A 380 -3.09 34.61 -30.39
N PHE A 381 -2.03 35.21 -29.82
CA PHE A 381 -2.05 36.62 -29.41
C PHE A 381 -0.68 37.03 -28.88
N LYS A 382 -0.52 38.33 -28.67
CA LYS A 382 0.70 38.89 -28.11
C LYS A 382 0.38 40.03 -27.15
N ASN A 390 -1.05 28.57 -28.86
CA ASN A 390 -1.41 27.27 -28.29
C ASN A 390 -2.87 26.87 -28.52
N THR A 391 -3.15 25.58 -28.36
CA THR A 391 -4.52 25.08 -28.35
C THR A 391 -5.24 25.49 -27.06
N VAL A 392 -6.57 25.48 -27.12
CA VAL A 392 -7.41 25.96 -26.02
C VAL A 392 -7.05 25.29 -24.69
N ALA A 393 -7.19 23.96 -24.62
CA ALA A 393 -7.09 23.32 -23.31
C ALA A 393 -5.67 23.40 -22.76
N ALA A 394 -4.66 23.27 -23.63
CA ALA A 394 -3.29 23.43 -23.16
C ALA A 394 -3.04 24.86 -22.71
N LEU A 395 -3.55 25.84 -23.49
CA LEU A 395 -3.39 27.24 -23.11
C LEU A 395 -3.98 27.51 -21.73
N MET A 396 -5.17 26.98 -21.46
CA MET A 396 -5.83 27.33 -20.21
C MET A 396 -5.34 26.50 -19.02
N SER A 397 -4.37 25.61 -19.25
CA SER A 397 -3.60 25.00 -18.17
C SER A 397 -2.15 25.42 -18.19
N SER A 398 -1.85 26.58 -18.78
CA SER A 398 -0.48 27.03 -19.00
C SER A 398 -0.16 28.30 -18.21
N PRO A 399 1.09 28.75 -18.19
CA PRO A 399 1.39 30.04 -17.53
C PRO A 399 0.60 31.22 -18.06
N ASN A 400 0.15 31.19 -19.32
CA ASN A 400 -0.59 32.30 -19.91
C ASN A 400 -2.10 32.08 -19.89
N SER A 401 -2.59 31.16 -19.06
CA SER A 401 -4.02 30.87 -19.00
C SER A 401 -4.82 32.12 -18.68
N GLY A 402 -4.54 32.73 -17.53
CA GLY A 402 -5.28 33.91 -17.13
C GLY A 402 -5.13 35.05 -18.10
N LEU A 403 -3.93 35.22 -18.65
CA LEU A 403 -3.71 36.32 -19.59
C LEU A 403 -4.46 36.11 -20.90
N ALA A 404 -4.61 34.85 -21.34
CA ALA A 404 -5.44 34.59 -22.52
C ALA A 404 -6.89 35.00 -22.25
N LEU A 405 -7.38 34.70 -21.06
CA LEU A 405 -8.75 35.06 -20.71
C LEU A 405 -8.92 36.58 -20.69
N ALA A 406 -8.01 37.28 -20.01
CA ALA A 406 -8.11 38.74 -19.93
C ALA A 406 -8.06 39.36 -21.30
N TYR A 407 -7.16 38.87 -22.16
CA TYR A 407 -7.05 39.41 -23.52
C TYR A 407 -8.38 39.31 -24.26
N HIS A 408 -9.06 38.16 -24.17
CA HIS A 408 -10.23 37.95 -25.01
C HIS A 408 -11.50 38.53 -24.44
N LYS A 409 -11.62 38.67 -23.11
CA LYS A 409 -12.76 39.43 -22.59
C LYS A 409 -12.64 40.91 -22.90
N GLY A 410 -11.52 41.35 -23.47
CA GLY A 410 -11.41 42.66 -24.09
C GLY A 410 -11.02 42.55 -25.55
#